data_5Z2M
#
_entry.id   5Z2M
#
_cell.length_a   43.222
_cell.length_b   109.626
_cell.length_c   77.811
_cell.angle_alpha   90.00
_cell.angle_beta   99.94
_cell.angle_gamma   90.00
#
_symmetry.space_group_name_H-M   'P 1 21 1'
#
loop_
_entity.id
_entity.type
_entity.pdbx_description
1 polymer 'Oxysterol-binding protein-related protein 1'
2 polymer 'Ras-related protein Rab-7a'
3 non-polymer 'MAGNESIUM ION'
4 non-polymer "GUANOSINE-5'-TRIPHOSPHATE"
5 water water
#
loop_
_entity_poly.entity_id
_entity_poly.type
_entity_poly.pdbx_seq_one_letter_code
_entity_poly.pdbx_strand_id
1 'polypeptide(L)'
;GSMNTEAEQQLLHHARNGNAEEVRKLLAAMARMEVVADIDCKGRSKSNLGWTPLHLACYFGHKQVVEDLLKAGAKVNMLN
DMGDTPLHRAAFTGRKELVLLLLEYDADSTVVNGSGQTAKEATHDKEIRNMLEAVERT
;
B,D
2 'polypeptide(L)'
;MTSRKKVLLKVIILGDSGVGKTSLMNQYVNKKFSNQYKATIGADFLTKEVMVDDRLVTMQIWDTAGLERFQSLGVAFYRG
ADCCVLVFDVTAPNTFKTLDSWRDEFLIQASPRDPENFPFVVLGNKIDLENRQVATKRAQAWCYSKNNIPYFETSAKEAI
NVEQAFQTIARNALKQ
;
A,C
#
# COMPACT_ATOMS: atom_id res chain seq x y z
N SER A 2 8.05 -34.04 -24.25
CA SER A 2 7.02 -33.35 -23.48
C SER A 2 6.88 -31.88 -23.90
N MET A 3 6.00 -31.15 -23.20
CA MET A 3 5.72 -29.75 -23.46
C MET A 3 5.23 -29.08 -22.18
N ASN A 4 5.28 -27.75 -22.18
CA ASN A 4 4.70 -26.92 -21.14
C ASN A 4 3.46 -26.27 -21.70
N THR A 5 2.45 -26.07 -20.85
CA THR A 5 1.27 -25.34 -21.27
C THR A 5 1.59 -23.86 -21.47
N GLU A 6 0.63 -23.16 -22.06
CA GLU A 6 0.74 -21.71 -22.23
C GLU A 6 0.84 -21.01 -20.90
N ALA A 7 0.00 -21.41 -19.94
CA ALA A 7 0.05 -20.77 -18.62
C ALA A 7 1.40 -21.02 -17.95
N GLU A 8 2.00 -22.20 -18.15
CA GLU A 8 3.31 -22.51 -17.57
C GLU A 8 4.41 -21.64 -18.19
N GLN A 9 4.40 -21.50 -19.52
CA GLN A 9 5.35 -20.59 -20.16
C GLN A 9 5.20 -19.18 -19.62
N GLN A 10 3.95 -18.72 -19.49
CA GLN A 10 3.73 -17.39 -18.94
C GLN A 10 4.22 -17.27 -17.49
N LEU A 11 4.02 -18.31 -16.68
CA LEU A 11 4.50 -18.30 -15.31
C LEU A 11 6.04 -18.22 -15.26
N LEU A 12 6.72 -19.02 -16.10
CA LEU A 12 8.19 -18.94 -16.15
C LEU A 12 8.66 -17.55 -16.59
N HIS A 13 8.00 -16.97 -17.59
CA HIS A 13 8.36 -15.64 -18.08
C HIS A 13 8.17 -14.59 -16.99
N HIS A 14 7.01 -14.59 -16.34
CA HIS A 14 6.73 -13.57 -15.33
C HIS A 14 7.58 -13.76 -14.07
N ALA A 15 7.78 -15.01 -13.63
CA ALA A 15 8.67 -15.24 -12.50
C ALA A 15 10.08 -14.77 -12.81
N ARG A 16 10.65 -15.22 -13.94
CA ARG A 16 11.98 -14.78 -14.38
C ARG A 16 12.13 -13.26 -14.36
N ASN A 17 11.13 -12.55 -14.88
CA ASN A 17 11.25 -11.10 -15.03
C ASN A 17 10.76 -10.31 -13.81
N GLY A 18 10.33 -10.99 -12.74
CA GLY A 18 9.89 -10.30 -11.54
C GLY A 18 8.57 -9.56 -11.69
N ASN A 19 7.68 -10.02 -12.57
CA ASN A 19 6.37 -9.40 -12.75
C ASN A 19 5.41 -10.03 -11.73
N ALA A 20 5.43 -9.50 -10.51
CA ALA A 20 4.80 -10.17 -9.38
C ALA A 20 3.29 -10.19 -9.51
N GLU A 21 2.70 -9.08 -9.98
CA GLU A 21 1.27 -9.04 -10.19
C GLU A 21 0.83 -10.08 -11.21
N GLU A 22 1.56 -10.22 -12.32
CA GLU A 22 1.22 -11.22 -13.32
C GLU A 22 1.38 -12.64 -12.78
N VAL A 23 2.43 -12.87 -11.98
CA VAL A 23 2.59 -14.17 -11.33
C VAL A 23 1.36 -14.49 -10.48
N ARG A 24 0.92 -13.51 -9.69
CA ARG A 24 -0.23 -13.72 -8.80
C ARG A 24 -1.51 -13.98 -9.58
N LYS A 25 -1.72 -13.24 -10.70
CA LYS A 25 -2.88 -13.50 -11.54
C LYS A 25 -2.90 -14.94 -12.05
N LEU A 26 -1.74 -15.43 -12.50
CA LEU A 26 -1.62 -16.82 -12.91
C LEU A 26 -1.89 -17.78 -11.74
N LEU A 27 -1.30 -17.51 -10.57
CA LEU A 27 -1.48 -18.41 -9.43
C LEU A 27 -2.95 -18.48 -9.02
N ALA A 28 -3.65 -17.36 -9.08
CA ALA A 28 -5.08 -17.35 -8.75
C ALA A 28 -5.87 -18.16 -9.77
N ALA A 29 -5.60 -17.96 -11.06
CA ALA A 29 -6.28 -18.75 -12.08
C ALA A 29 -5.98 -20.24 -11.91
N MET A 30 -4.73 -20.58 -11.56
CA MET A 30 -4.36 -21.97 -11.34
C MET A 30 -5.09 -22.56 -10.14
N ALA A 31 -5.23 -21.79 -9.06
CA ALA A 31 -5.78 -22.33 -7.83
C ALA A 31 -7.22 -22.77 -8.02
N ARG A 32 -8.02 -21.98 -8.74
CA ARG A 32 -9.39 -22.32 -9.09
C ARG A 32 -9.50 -23.17 -10.34
N MET A 33 -8.39 -23.64 -10.91
CA MET A 33 -8.39 -24.54 -12.07
C MET A 33 -9.03 -23.89 -13.30
N GLU A 34 -8.90 -22.58 -13.42
CA GLU A 34 -9.27 -21.92 -14.67
C GLU A 34 -8.21 -22.11 -15.75
N VAL A 35 -6.95 -22.36 -15.38
CA VAL A 35 -5.91 -22.70 -16.33
C VAL A 35 -5.21 -23.95 -15.82
N VAL A 36 -4.50 -24.63 -16.72
CA VAL A 36 -3.69 -25.79 -16.38
C VAL A 36 -2.25 -25.33 -16.28
N ALA A 37 -1.65 -25.49 -15.10
CA ALA A 37 -0.23 -25.17 -14.91
C ALA A 37 0.23 -25.76 -13.59
N ASP A 38 1.40 -26.38 -13.62
CA ASP A 38 2.05 -26.90 -12.42
C ASP A 38 3.00 -25.81 -11.90
N ILE A 39 2.77 -25.34 -10.67
CA ILE A 39 3.62 -24.33 -10.07
C ILE A 39 5.07 -24.77 -10.03
N ASP A 40 5.33 -26.09 -10.06
CA ASP A 40 6.68 -26.65 -10.05
C ASP A 40 7.16 -27.05 -11.44
N CYS A 41 6.51 -26.53 -12.49
CA CYS A 41 6.95 -26.80 -13.86
C CYS A 41 8.42 -26.44 -14.05
N LYS A 42 9.05 -27.05 -15.05
CA LYS A 42 10.43 -26.75 -15.41
C LYS A 42 10.47 -26.19 -16.83
N GLY A 43 11.31 -25.16 -17.03
CA GLY A 43 11.40 -24.55 -18.33
C GLY A 43 11.88 -25.52 -19.40
N ARG A 44 11.40 -25.31 -20.63
CA ARG A 44 11.81 -26.15 -21.74
C ARG A 44 12.47 -25.37 -22.87
N SER A 45 12.63 -24.07 -22.76
CA SER A 45 13.33 -23.36 -23.80
C SER A 45 14.74 -23.05 -23.33
N LYS A 46 15.58 -22.61 -24.26
CA LYS A 46 16.98 -22.31 -23.94
C LYS A 46 17.08 -21.25 -22.85
N SER A 47 16.08 -20.40 -22.74
CA SER A 47 16.06 -19.30 -21.79
C SER A 47 15.82 -19.75 -20.35
N ASN A 48 15.41 -21.01 -20.12
CA ASN A 48 15.01 -21.41 -18.77
C ASN A 48 15.09 -22.92 -18.55
N LEU A 49 15.90 -23.64 -19.33
CA LEU A 49 15.79 -25.09 -19.43
C LEU A 49 16.09 -25.77 -18.09
N GLY A 50 15.12 -26.55 -17.60
CA GLY A 50 15.27 -27.29 -16.37
C GLY A 50 15.04 -26.50 -15.09
N TRP A 51 14.73 -25.21 -15.17
CA TRP A 51 14.48 -24.37 -14.01
C TRP A 51 12.98 -24.25 -13.72
N THR A 52 12.64 -24.17 -12.44
CA THR A 52 11.28 -23.84 -12.01
C THR A 52 11.09 -22.33 -11.94
N PRO A 53 9.84 -21.86 -11.84
CA PRO A 53 9.63 -20.43 -11.53
C PRO A 53 10.38 -20.00 -10.28
N LEU A 54 10.43 -20.88 -9.27
CA LEU A 54 11.08 -20.54 -8.01
C LEU A 54 12.60 -20.38 -8.19
N HIS A 55 13.23 -21.30 -8.93
CA HIS A 55 14.63 -21.14 -9.32
C HIS A 55 14.88 -19.78 -9.97
N LEU A 56 14.06 -19.44 -10.97
CA LEU A 56 14.30 -18.20 -11.72
C LEU A 56 14.16 -17.00 -10.81
N ALA A 57 13.10 -16.96 -10.01
CA ALA A 57 12.88 -15.81 -9.14
C ALA A 57 13.97 -15.70 -8.06
N CYS A 58 14.45 -16.84 -7.55
CA CYS A 58 15.52 -16.77 -6.55
C CYS A 58 16.82 -16.27 -7.17
N TYR A 59 17.20 -16.84 -8.32
CA TYR A 59 18.46 -16.46 -8.96
C TYR A 59 18.49 -14.99 -9.34
N PHE A 60 17.40 -14.48 -9.92
CA PHE A 60 17.36 -13.08 -10.34
C PHE A 60 16.90 -12.15 -9.24
N GLY A 61 16.65 -12.68 -8.04
CA GLY A 61 16.35 -11.86 -6.87
C GLY A 61 15.02 -11.17 -6.88
N HIS A 62 13.96 -11.84 -7.38
CA HIS A 62 12.63 -11.24 -7.42
C HIS A 62 11.88 -11.75 -6.18
N LYS A 63 11.97 -10.96 -5.14
CA LYS A 63 11.64 -11.33 -3.79
C LYS A 63 10.15 -11.60 -3.57
N GLN A 64 9.34 -10.60 -3.92
CA GLN A 64 7.90 -10.75 -3.86
C GLN A 64 7.42 -11.99 -4.64
N VAL A 65 8.02 -12.25 -5.81
CA VAL A 65 7.63 -13.45 -6.57
C VAL A 65 7.94 -14.71 -5.76
N VAL A 66 9.13 -14.78 -5.17
CA VAL A 66 9.50 -15.94 -4.38
C VAL A 66 8.51 -16.18 -3.26
N GLU A 67 8.25 -15.14 -2.46
CA GLU A 67 7.17 -15.20 -1.50
C GLU A 67 5.84 -15.72 -2.03
N ASP A 68 5.28 -15.06 -3.03
CA ASP A 68 4.00 -15.47 -3.57
C ASP A 68 3.97 -16.93 -4.01
N LEU A 69 5.02 -17.38 -4.71
CA LEU A 69 5.11 -18.78 -5.10
C LEU A 69 5.14 -19.71 -3.88
N LEU A 70 5.92 -19.34 -2.84
CA LEU A 70 5.98 -20.18 -1.65
C LEU A 70 4.64 -20.23 -0.92
N LYS A 71 3.96 -19.08 -0.78
CA LYS A 71 2.63 -19.06 -0.16
C LYS A 71 1.64 -19.91 -0.93
N ALA A 72 1.77 -19.96 -2.26
CA ALA A 72 0.85 -20.73 -3.10
C ALA A 72 1.23 -22.20 -3.17
N GLY A 73 2.29 -22.61 -2.47
CA GLY A 73 2.65 -24.02 -2.35
C GLY A 73 3.76 -24.55 -3.22
N ALA A 74 4.60 -23.68 -3.79
CA ALA A 74 5.74 -24.16 -4.57
C ALA A 74 6.62 -25.07 -3.72
N LYS A 75 7.15 -26.14 -4.34
CA LYS A 75 8.04 -27.08 -3.66
C LYS A 75 9.42 -26.45 -3.52
N VAL A 76 9.91 -26.39 -2.29
CA VAL A 76 11.12 -25.61 -2.00
C VAL A 76 12.39 -26.34 -2.41
N ASN A 77 12.34 -27.66 -2.59
CA ASN A 77 13.56 -28.44 -2.83
C ASN A 77 13.66 -28.96 -4.26
N MET A 78 12.93 -28.37 -5.21
CA MET A 78 13.08 -28.75 -6.61
C MET A 78 14.52 -28.59 -7.06
N LEU A 79 14.95 -29.45 -7.99
CA LEU A 79 16.29 -29.41 -8.57
C LEU A 79 16.22 -28.93 -10.02
N ASN A 80 17.23 -28.18 -10.46
CA ASN A 80 17.37 -27.92 -11.89
C ASN A 80 18.41 -28.88 -12.45
N ASP A 81 18.74 -28.71 -13.74
CA ASP A 81 19.62 -29.68 -14.39
C ASP A 81 21.03 -29.67 -13.80
N MET A 82 21.46 -28.58 -13.16
CA MET A 82 22.74 -28.57 -12.46
C MET A 82 22.65 -29.19 -11.07
N GLY A 83 21.49 -29.72 -10.69
CA GLY A 83 21.29 -30.21 -9.33
C GLY A 83 21.12 -29.14 -8.28
N ASP A 84 21.10 -27.87 -8.67
CA ASP A 84 20.86 -26.77 -7.74
C ASP A 84 19.42 -26.71 -7.25
N THR A 85 19.26 -26.41 -5.97
CA THR A 85 17.96 -26.02 -5.43
C THR A 85 17.80 -24.50 -5.53
N PRO A 86 16.60 -23.97 -5.31
CA PRO A 86 16.45 -22.51 -5.20
C PRO A 86 17.31 -21.92 -4.12
N LEU A 87 17.52 -22.67 -3.04
CA LEU A 87 18.46 -22.20 -2.02
C LEU A 87 19.87 -22.07 -2.58
N HIS A 88 20.30 -23.03 -3.41
CA HIS A 88 21.62 -22.92 -4.04
C HIS A 88 21.77 -21.60 -4.80
N ARG A 89 20.69 -21.11 -5.40
CA ARG A 89 20.86 -20.01 -6.32
C ARG A 89 20.66 -18.68 -5.62
N ALA A 90 19.86 -18.69 -4.54
CA ALA A 90 19.82 -17.52 -3.69
C ALA A 90 21.12 -17.37 -2.90
N ALA A 91 21.70 -18.47 -2.45
CA ALA A 91 22.97 -18.36 -1.73
C ALA A 91 24.07 -17.94 -2.68
N PHE A 92 24.08 -18.51 -3.88
CA PHE A 92 25.12 -18.20 -4.86
C PHE A 92 25.12 -16.72 -5.20
N THR A 93 23.94 -16.13 -5.38
CA THR A 93 23.82 -14.72 -5.73
C THR A 93 23.81 -13.82 -4.51
N GLY A 94 24.03 -14.39 -3.32
CA GLY A 94 24.22 -13.59 -2.11
C GLY A 94 23.01 -12.83 -1.63
N ARG A 95 21.82 -13.40 -1.73
CA ARG A 95 20.57 -12.73 -1.40
C ARG A 95 20.12 -13.19 -0.03
N LYS A 96 20.50 -12.43 1.00
CA LYS A 96 20.33 -12.86 2.37
C LYS A 96 18.86 -13.06 2.71
N GLU A 97 18.01 -12.10 2.34
CA GLU A 97 16.60 -12.20 2.68
C GLU A 97 15.93 -13.38 2.00
N LEU A 98 16.42 -13.75 0.81
CA LEU A 98 15.84 -14.88 0.11
C LEU A 98 16.27 -16.19 0.75
N VAL A 99 17.54 -16.30 1.13
CA VAL A 99 18.01 -17.48 1.86
C VAL A 99 17.21 -17.64 3.14
N LEU A 100 16.96 -16.54 3.82
CA LEU A 100 16.22 -16.59 5.07
C LEU A 100 14.78 -17.01 4.83
N LEU A 101 14.15 -16.44 3.80
CA LEU A 101 12.79 -16.82 3.45
C LEU A 101 12.67 -18.30 3.12
N LEU A 102 13.61 -18.83 2.32
CA LEU A 102 13.59 -20.23 1.96
C LEU A 102 13.76 -21.12 3.19
N LEU A 103 14.68 -20.76 4.09
CA LEU A 103 14.82 -21.50 5.34
C LEU A 103 13.53 -21.47 6.15
N GLU A 104 12.83 -20.34 6.15
CA GLU A 104 11.53 -20.26 6.82
C GLU A 104 10.54 -21.27 6.24
N TYR A 105 10.70 -21.64 4.97
CA TYR A 105 9.86 -22.68 4.35
C TYR A 105 10.53 -24.05 4.34
N ASP A 106 11.45 -24.28 5.28
CA ASP A 106 12.08 -25.58 5.49
C ASP A 106 12.88 -26.08 4.29
N ALA A 107 13.54 -25.17 3.58
CA ALA A 107 14.45 -25.57 2.53
C ALA A 107 15.56 -26.47 3.09
N ASP A 108 15.84 -27.56 2.38
CA ASP A 108 16.89 -28.51 2.78
C ASP A 108 18.24 -27.88 2.48
N SER A 109 19.01 -27.60 3.51
CA SER A 109 20.30 -26.94 3.32
C SER A 109 21.40 -27.92 2.99
N THR A 110 21.11 -29.22 2.98
CA THR A 110 22.15 -30.23 2.81
C THR A 110 22.29 -30.70 1.37
N VAL A 111 21.42 -30.26 0.46
CA VAL A 111 21.47 -30.77 -0.91
C VAL A 111 22.81 -30.45 -1.55
N VAL A 112 23.41 -31.47 -2.16
CA VAL A 112 24.68 -31.33 -2.87
C VAL A 112 24.38 -31.30 -4.35
N ASN A 113 24.82 -30.24 -5.05
CA ASN A 113 24.46 -30.08 -6.46
C ASN A 113 25.38 -30.91 -7.36
N GLY A 114 25.22 -30.77 -8.67
CA GLY A 114 26.03 -31.53 -9.61
C GLY A 114 27.50 -31.16 -9.63
N SER A 115 27.87 -30.06 -8.98
CA SER A 115 29.26 -29.64 -8.87
C SER A 115 29.89 -30.09 -7.56
N GLY A 116 29.18 -30.90 -6.79
CA GLY A 116 29.64 -31.32 -5.49
C GLY A 116 29.54 -30.27 -4.41
N GLN A 117 28.71 -29.24 -4.58
CA GLN A 117 28.63 -28.19 -3.58
C GLN A 117 27.27 -28.16 -2.89
N THR A 118 27.30 -27.80 -1.62
CA THR A 118 26.10 -27.38 -0.92
C THR A 118 25.90 -25.89 -1.11
N ALA A 119 24.72 -25.42 -0.71
CA ALA A 119 24.44 -23.99 -0.72
C ALA A 119 25.44 -23.23 0.13
N LYS A 120 25.83 -23.78 1.28
CA LYS A 120 26.85 -23.06 2.05
C LYS A 120 28.14 -22.90 1.27
N GLU A 121 28.49 -23.85 0.41
CA GLU A 121 29.74 -23.82 -0.33
C GLU A 121 29.64 -22.93 -1.57
N ALA A 122 28.43 -22.68 -2.07
CA ALA A 122 28.19 -21.86 -3.25
C ALA A 122 28.27 -20.36 -2.93
N THR A 123 27.97 -19.93 -1.70
CA THR A 123 27.89 -18.48 -1.46
C THR A 123 29.28 -17.83 -1.25
N HIS A 124 29.26 -16.49 -1.28
CA HIS A 124 30.36 -15.62 -0.88
C HIS A 124 30.05 -14.73 0.32
N ASP A 125 28.79 -14.58 0.72
CA ASP A 125 28.41 -13.63 1.78
C ASP A 125 28.52 -14.33 3.12
N LYS A 126 29.25 -13.70 4.04
CA LYS A 126 29.64 -14.38 5.26
C LYS A 126 28.44 -14.60 6.19
N GLU A 127 27.43 -13.73 6.10
CA GLU A 127 26.22 -13.90 6.87
C GLU A 127 25.47 -15.14 6.42
N ILE A 128 25.24 -15.27 5.11
CA ILE A 128 24.62 -16.48 4.56
C ILE A 128 25.42 -17.72 4.94
N ARG A 129 26.72 -17.66 4.83
CA ARG A 129 27.52 -18.81 5.22
C ARG A 129 27.25 -19.19 6.67
N ASN A 130 27.08 -18.19 7.55
CA ASN A 130 26.79 -18.48 8.96
C ASN A 130 25.41 -19.10 9.13
N MET A 131 24.40 -18.54 8.47
CA MET A 131 23.04 -19.04 8.59
C MET A 131 22.96 -20.50 8.15
N LEU A 132 23.54 -20.79 6.99
CA LEU A 132 23.52 -22.16 6.47
C LEU A 132 24.30 -23.11 7.35
N GLU A 133 25.46 -22.64 7.87
CA GLU A 133 26.21 -23.47 8.80
C GLU A 133 25.35 -23.84 10.01
N ALA A 134 24.59 -22.88 10.53
CA ALA A 134 23.71 -23.17 11.67
C ALA A 134 22.65 -24.20 11.32
N VAL A 135 22.01 -24.05 10.15
CA VAL A 135 20.92 -24.97 9.86
C VAL A 135 21.44 -26.36 9.52
N GLU A 136 22.68 -26.47 9.02
CA GLU A 136 23.25 -27.77 8.69
C GLU A 136 23.34 -28.69 9.92
N ARG A 137 23.77 -28.14 11.06
CA ARG A 137 23.98 -28.98 12.24
C ARG A 137 22.69 -29.41 12.91
N THR A 138 21.54 -28.97 12.41
CA THR A 138 20.27 -29.43 12.94
C THR A 138 19.90 -30.79 12.34
N LYS B 5 -40.57 -17.29 -10.91
CA LYS B 5 -39.33 -16.55 -11.16
C LYS B 5 -38.16 -17.32 -10.58
N LYS B 6 -36.96 -17.00 -11.04
CA LYS B 6 -35.73 -17.48 -10.44
C LYS B 6 -34.86 -16.28 -10.10
N VAL B 7 -34.44 -16.19 -8.84
CA VAL B 7 -33.59 -15.12 -8.36
C VAL B 7 -32.24 -15.70 -7.97
N LEU B 8 -31.16 -15.17 -8.55
CA LEU B 8 -29.80 -15.54 -8.15
C LEU B 8 -29.22 -14.37 -7.38
N LEU B 9 -28.79 -14.64 -6.14
CA LEU B 9 -28.19 -13.63 -5.28
C LEU B 9 -26.69 -13.85 -5.25
N LYS B 10 -25.93 -12.78 -5.48
CA LYS B 10 -24.48 -12.85 -5.40
C LYS B 10 -24.01 -12.33 -4.04
N VAL B 11 -23.36 -13.21 -3.29
CA VAL B 11 -22.83 -12.90 -1.97
C VAL B 11 -21.32 -13.05 -1.98
N ILE B 12 -20.62 -12.08 -1.37
CA ILE B 12 -19.17 -12.04 -1.40
C ILE B 12 -18.70 -12.13 0.05
N ILE B 13 -17.75 -13.01 0.33
CA ILE B 13 -17.27 -13.20 1.70
C ILE B 13 -15.84 -12.68 1.76
N LEU B 14 -15.61 -11.69 2.64
CA LEU B 14 -14.32 -11.02 2.76
C LEU B 14 -13.80 -11.14 4.19
N GLY B 15 -12.49 -10.98 4.35
CA GLY B 15 -11.87 -11.03 5.67
C GLY B 15 -10.44 -11.53 5.61
N ASP B 16 -9.73 -11.29 6.71
CA ASP B 16 -8.31 -11.59 6.72
C ASP B 16 -8.05 -13.08 6.56
N SER B 17 -6.81 -13.40 6.17
CA SER B 17 -6.42 -14.79 6.04
C SER B 17 -6.64 -15.51 7.36
N GLY B 18 -7.28 -16.68 7.29
CA GLY B 18 -7.39 -17.54 8.45
C GLY B 18 -8.57 -17.30 9.36
N VAL B 19 -9.46 -16.35 9.06
CA VAL B 19 -10.60 -16.10 9.95
C VAL B 19 -11.68 -17.17 9.81
N GLY B 20 -11.64 -17.97 8.76
CA GLY B 20 -12.61 -19.01 8.55
C GLY B 20 -13.61 -18.80 7.41
N LYS B 21 -13.31 -17.93 6.44
CA LYS B 21 -14.26 -17.69 5.36
C LYS B 21 -14.58 -18.98 4.59
N THR B 22 -13.54 -19.69 4.15
CA THR B 22 -13.78 -20.94 3.44
C THR B 22 -14.54 -21.93 4.29
N SER B 23 -14.18 -22.01 5.58
CA SER B 23 -14.84 -22.95 6.46
C SER B 23 -16.31 -22.61 6.67
N LEU B 24 -16.63 -21.32 6.77
CA LEU B 24 -18.03 -20.95 6.92
C LEU B 24 -18.82 -21.31 5.67
N MET B 25 -18.24 -21.03 4.49
CA MET B 25 -18.92 -21.40 3.25
C MET B 25 -19.11 -22.92 3.16
N ASN B 26 -18.08 -23.69 3.50
CA ASN B 26 -18.17 -25.14 3.38
C ASN B 26 -19.17 -25.71 4.38
N GLN B 27 -19.21 -25.16 5.60
CA GLN B 27 -20.21 -25.61 6.57
C GLN B 27 -21.61 -25.30 6.10
N TYR B 28 -21.83 -24.11 5.54
CA TYR B 28 -23.16 -23.75 5.09
C TYR B 28 -23.61 -24.59 3.89
N VAL B 29 -22.73 -24.79 2.90
CA VAL B 29 -23.16 -25.42 1.65
C VAL B 29 -23.12 -26.95 1.77
N ASN B 30 -22.06 -27.51 2.35
CA ASN B 30 -21.86 -28.95 2.36
C ASN B 30 -21.97 -29.59 3.74
N LYS B 31 -22.20 -28.80 4.81
CA LYS B 31 -22.24 -29.29 6.18
C LYS B 31 -21.01 -30.13 6.53
N LYS B 32 -19.85 -29.59 6.17
CA LYS B 32 -18.55 -30.24 6.36
C LYS B 32 -17.58 -29.23 6.95
N PHE B 33 -16.69 -29.71 7.81
CA PHE B 33 -15.66 -28.87 8.41
C PHE B 33 -14.37 -29.66 8.51
N SER B 34 -13.25 -28.99 8.26
CA SER B 34 -11.94 -29.62 8.35
C SER B 34 -10.99 -28.71 9.10
N ASN B 35 -10.31 -29.27 10.11
CA ASN B 35 -9.35 -28.46 10.84
C ASN B 35 -8.06 -28.22 10.05
N GLN B 36 -7.94 -28.80 8.85
CA GLN B 36 -6.74 -28.64 8.02
C GLN B 36 -6.85 -27.37 7.19
N TYR B 37 -5.83 -26.53 7.28
CA TYR B 37 -5.84 -25.23 6.60
C TYR B 37 -5.18 -25.35 5.22
N LYS B 38 -5.94 -25.02 4.18
CA LYS B 38 -5.39 -24.76 2.86
C LYS B 38 -5.80 -23.35 2.44
N ALA B 39 -4.83 -22.47 2.23
CA ALA B 39 -5.12 -21.06 1.96
C ALA B 39 -5.80 -20.88 0.60
N THR B 40 -6.78 -19.97 0.55
CA THR B 40 -7.45 -19.63 -0.69
C THR B 40 -6.57 -18.65 -1.47
N ILE B 41 -6.23 -19.01 -2.70
CA ILE B 41 -5.38 -18.19 -3.56
C ILE B 41 -6.18 -17.46 -4.63
N GLY B 42 -7.19 -18.12 -5.19
CA GLY B 42 -8.04 -17.52 -6.21
C GLY B 42 -9.48 -17.47 -5.77
N ALA B 43 -10.15 -16.36 -6.06
CA ALA B 43 -11.57 -16.23 -5.75
C ALA B 43 -12.37 -17.23 -6.58
N ASP B 44 -13.42 -17.76 -5.99
CA ASP B 44 -14.24 -18.77 -6.64
C ASP B 44 -15.50 -18.92 -5.81
N PHE B 45 -16.53 -19.54 -6.39
CA PHE B 45 -17.83 -19.55 -5.75
C PHE B 45 -18.36 -20.98 -5.61
N LEU B 46 -19.26 -21.15 -4.64
CA LEU B 46 -20.12 -22.31 -4.53
C LEU B 46 -21.55 -21.82 -4.71
N THR B 47 -22.45 -22.72 -5.08
CA THR B 47 -23.84 -22.37 -5.30
C THR B 47 -24.72 -23.22 -4.39
N LYS B 48 -25.73 -22.61 -3.80
CA LYS B 48 -26.64 -23.32 -2.93
C LYS B 48 -28.07 -22.87 -3.17
N GLU B 49 -29.01 -23.81 -3.16
CA GLU B 49 -30.42 -23.45 -3.28
C GLU B 49 -30.93 -23.13 -1.90
N VAL B 50 -31.39 -21.91 -1.72
CA VAL B 50 -31.77 -21.43 -0.41
C VAL B 50 -33.24 -21.10 -0.46
N MET B 51 -33.89 -21.30 0.68
CA MET B 51 -35.30 -20.98 0.84
C MET B 51 -35.39 -19.88 1.87
N VAL B 52 -35.92 -18.73 1.47
CA VAL B 52 -35.98 -17.54 2.31
C VAL B 52 -37.38 -16.94 2.24
N ASP B 53 -38.04 -16.86 3.40
CA ASP B 53 -39.40 -16.33 3.51
C ASP B 53 -40.30 -16.88 2.40
N ASP B 54 -40.40 -18.20 2.34
CA ASP B 54 -41.23 -18.89 1.35
C ASP B 54 -40.89 -18.50 -0.08
N ARG B 55 -39.61 -18.27 -0.38
CA ARG B 55 -39.16 -17.94 -1.73
C ARG B 55 -37.88 -18.73 -2.02
N LEU B 56 -37.84 -19.39 -3.16
CA LEU B 56 -36.66 -20.17 -3.54
C LEU B 56 -35.71 -19.27 -4.33
N VAL B 57 -34.45 -19.20 -3.89
CA VAL B 57 -33.44 -18.37 -4.53
C VAL B 57 -32.15 -19.17 -4.67
N THR B 58 -31.36 -18.81 -5.67
CA THR B 58 -30.08 -19.47 -5.91
C THR B 58 -29.00 -18.54 -5.37
N MET B 59 -28.27 -18.99 -4.36
CA MET B 59 -27.28 -18.15 -3.74
C MET B 59 -25.92 -18.54 -4.28
N GLN B 60 -25.25 -17.57 -4.88
CA GLN B 60 -23.92 -17.75 -5.44
C GLN B 60 -22.97 -17.12 -4.44
N ILE B 61 -22.25 -17.96 -3.70
CA ILE B 61 -21.41 -17.52 -2.59
C ILE B 61 -19.95 -17.52 -3.04
N TRP B 62 -19.34 -16.35 -3.06
CA TRP B 62 -17.95 -16.21 -3.47
C TRP B 62 -17.01 -16.20 -2.27
N ASP B 63 -15.99 -17.05 -2.33
CA ASP B 63 -14.92 -17.16 -1.38
C ASP B 63 -13.70 -16.47 -2.00
N THR B 64 -12.99 -15.68 -1.18
CA THR B 64 -11.89 -14.83 -1.65
C THR B 64 -10.62 -15.13 -0.86
N ALA B 65 -9.49 -14.65 -1.37
CA ALA B 65 -8.21 -14.75 -0.68
C ALA B 65 -8.15 -13.72 0.44
N GLY B 66 -7.84 -14.17 1.65
CA GLY B 66 -7.55 -13.19 2.66
C GLY B 66 -6.12 -12.69 2.63
N LEU B 67 -5.20 -13.45 2.00
CA LEU B 67 -3.77 -13.18 2.04
C LEU B 67 -3.43 -11.85 1.38
N GLU B 68 -2.36 -11.23 1.90
CA GLU B 68 -2.18 -9.80 1.82
C GLU B 68 -2.01 -9.29 0.40
N ARG B 69 -1.41 -10.03 -0.53
CA ARG B 69 -1.33 -9.50 -1.90
C ARG B 69 -2.29 -10.13 -2.89
N PHE B 70 -2.74 -11.35 -2.63
CA PHE B 70 -3.70 -11.97 -3.50
C PHE B 70 -5.07 -11.31 -3.41
N GLN B 71 -5.34 -10.55 -2.33
CA GLN B 71 -6.68 -10.03 -2.12
C GLN B 71 -7.05 -8.94 -3.14
N SER B 72 -6.07 -8.27 -3.75
CA SER B 72 -6.43 -7.29 -4.78
C SER B 72 -7.12 -7.96 -5.96
N LEU B 73 -6.79 -9.23 -6.21
CA LEU B 73 -7.44 -9.94 -7.30
C LEU B 73 -8.89 -10.23 -7.00
N GLY B 74 -9.26 -10.30 -5.72
CA GLY B 74 -10.67 -10.50 -5.40
C GLY B 74 -11.54 -9.34 -5.86
N VAL B 75 -10.96 -8.14 -6.00
CA VAL B 75 -11.74 -6.94 -6.27
C VAL B 75 -12.51 -7.05 -7.58
N ALA B 76 -11.93 -7.73 -8.57
CA ALA B 76 -12.61 -7.89 -9.86
C ALA B 76 -13.97 -8.57 -9.72
N PHE B 77 -14.20 -9.35 -8.66
CA PHE B 77 -15.43 -10.12 -8.49
C PHE B 77 -16.45 -9.45 -7.58
N TYR B 78 -16.14 -8.25 -7.10
CA TYR B 78 -17.07 -7.53 -6.22
C TYR B 78 -18.31 -7.11 -6.98
N ARG B 79 -18.14 -6.68 -8.23
CA ARG B 79 -19.19 -6.04 -9.01
C ARG B 79 -20.41 -6.94 -9.10
N GLY B 80 -21.59 -6.38 -8.87
CA GLY B 80 -22.83 -7.12 -8.96
C GLY B 80 -23.22 -7.87 -7.70
N ALA B 81 -22.39 -7.82 -6.67
CA ALA B 81 -22.72 -8.50 -5.42
C ALA B 81 -23.97 -7.89 -4.80
N ASP B 82 -24.82 -8.75 -4.23
CA ASP B 82 -25.99 -8.26 -3.53
C ASP B 82 -25.80 -8.23 -2.04
N CYS B 83 -24.74 -8.86 -1.53
CA CYS B 83 -24.47 -8.74 -0.10
C CYS B 83 -22.99 -9.00 0.11
N CYS B 84 -22.47 -8.43 1.19
CA CYS B 84 -21.05 -8.54 1.52
C CYS B 84 -20.98 -8.98 2.97
N VAL B 85 -20.34 -10.11 3.19
CA VAL B 85 -20.12 -10.72 4.49
C VAL B 85 -18.70 -10.39 4.91
N LEU B 86 -18.55 -9.76 6.05
CA LEU B 86 -17.23 -9.47 6.62
C LEU B 86 -16.98 -10.42 7.78
N VAL B 87 -15.88 -11.17 7.74
CA VAL B 87 -15.58 -12.14 8.78
C VAL B 87 -14.27 -11.77 9.49
N PHE B 88 -14.27 -11.92 10.81
CA PHE B 88 -13.07 -11.80 11.64
C PHE B 88 -13.05 -12.97 12.62
N ASP B 89 -11.88 -13.20 13.20
CA ASP B 89 -11.64 -14.25 14.20
C ASP B 89 -11.70 -13.67 15.61
N VAL B 90 -12.61 -14.19 16.46
CA VAL B 90 -12.81 -13.61 17.80
C VAL B 90 -11.54 -13.76 18.65
N THR B 91 -10.64 -14.68 18.29
CA THR B 91 -9.38 -14.83 19.03
C THR B 91 -8.25 -13.98 18.48
N ALA B 92 -8.46 -13.25 17.38
CA ALA B 92 -7.40 -12.53 16.69
C ALA B 92 -7.78 -11.07 16.44
N PRO B 93 -7.43 -10.16 17.36
CA PRO B 93 -7.87 -8.77 17.24
C PRO B 93 -7.37 -8.05 15.98
N ASN B 94 -6.24 -8.48 15.41
CA ASN B 94 -5.80 -7.84 14.18
C ASN B 94 -6.81 -8.05 13.06
N THR B 95 -7.49 -9.21 13.04
CA THR B 95 -8.51 -9.46 12.02
C THR B 95 -9.78 -8.63 12.24
N PHE B 96 -10.02 -8.15 13.46
CA PHE B 96 -11.12 -7.23 13.70
C PHE B 96 -10.78 -5.82 13.22
N LYS B 97 -9.51 -5.45 13.38
CA LYS B 97 -9.06 -4.10 13.05
C LYS B 97 -9.28 -3.75 11.59
N THR B 98 -9.20 -4.73 10.70
CA THR B 98 -9.23 -4.46 9.27
C THR B 98 -10.64 -4.32 8.69
N LEU B 99 -11.70 -4.42 9.50
CA LEU B 99 -13.04 -4.48 8.92
C LEU B 99 -13.36 -3.22 8.13
N ASP B 100 -13.04 -2.05 8.68
CA ASP B 100 -13.21 -0.80 7.94
C ASP B 100 -12.53 -0.78 6.57
N SER B 101 -11.24 -1.03 6.47
CA SER B 101 -10.64 -1.14 5.13
C SER B 101 -11.35 -2.15 4.21
N TRP B 102 -11.74 -3.32 4.73
CA TRP B 102 -12.46 -4.27 3.88
C TRP B 102 -13.76 -3.65 3.37
N ARG B 103 -14.51 -3.00 4.26
CA ARG B 103 -15.81 -2.43 3.92
C ARG B 103 -15.67 -1.25 2.97
N ASP B 104 -14.72 -0.35 3.22
CA ASP B 104 -14.56 0.80 2.34
C ASP B 104 -14.10 0.35 0.97
N GLU B 105 -13.12 -0.57 0.92
CA GLU B 105 -12.67 -1.08 -0.36
C GLU B 105 -13.83 -1.71 -1.12
N PHE B 106 -14.67 -2.47 -0.42
CA PHE B 106 -15.83 -3.02 -1.11
C PHE B 106 -16.72 -1.91 -1.63
N LEU B 107 -17.02 -0.90 -0.81
CA LEU B 107 -17.96 0.12 -1.23
C LEU B 107 -17.45 0.91 -2.44
N ILE B 108 -16.18 1.31 -2.43
CA ILE B 108 -15.71 2.13 -3.56
C ILE B 108 -15.48 1.26 -4.80
N GLN B 109 -15.14 -0.02 -4.63
CA GLN B 109 -14.88 -0.83 -5.82
C GLN B 109 -16.18 -1.41 -6.39
N ALA B 110 -17.06 -1.91 -5.54
CA ALA B 110 -18.30 -2.49 -6.04
C ALA B 110 -19.24 -1.37 -6.50
N SER B 111 -19.16 -0.22 -5.85
CA SER B 111 -19.87 1.02 -6.16
C SER B 111 -21.39 0.81 -6.20
N PRO B 112 -22.06 0.30 -5.15
CA PRO B 112 -23.53 0.27 -5.17
C PRO B 112 -24.07 1.67 -5.28
N ARG B 113 -25.29 1.79 -5.80
CA ARG B 113 -25.91 3.09 -5.97
C ARG B 113 -26.33 3.68 -4.64
N ASP B 114 -26.59 2.83 -3.66
CA ASP B 114 -27.02 3.27 -2.34
C ASP B 114 -26.02 2.72 -1.30
N PRO B 115 -24.85 3.34 -1.15
CA PRO B 115 -23.87 2.81 -0.20
C PRO B 115 -24.34 2.78 1.24
N GLU B 116 -25.11 3.77 1.69
CA GLU B 116 -25.55 3.81 3.09
C GLU B 116 -26.43 2.62 3.45
N ASN B 117 -27.16 2.05 2.48
CA ASN B 117 -28.05 0.95 2.78
C ASN B 117 -27.58 -0.37 2.18
N PHE B 118 -26.37 -0.45 1.65
CA PHE B 118 -25.96 -1.72 1.06
C PHE B 118 -25.89 -2.77 2.15
N PRO B 119 -26.35 -4.02 1.85
CA PRO B 119 -26.36 -5.08 2.86
C PRO B 119 -24.99 -5.63 3.19
N PHE B 120 -24.53 -5.35 4.41
CA PHE B 120 -23.41 -6.05 5.03
C PHE B 120 -23.91 -6.96 6.13
N VAL B 121 -23.17 -8.04 6.38
CA VAL B 121 -23.32 -8.85 7.59
C VAL B 121 -21.91 -9.12 8.10
N VAL B 122 -21.77 -9.11 9.42
CA VAL B 122 -20.48 -9.30 10.08
C VAL B 122 -20.55 -10.56 10.92
N LEU B 123 -19.68 -11.52 10.59
CA LEU B 123 -19.53 -12.74 11.37
C LEU B 123 -18.26 -12.69 12.22
N GLY B 124 -18.42 -12.80 13.54
CA GLY B 124 -17.31 -13.02 14.46
C GLY B 124 -17.17 -14.51 14.74
N ASN B 125 -16.19 -15.14 14.12
CA ASN B 125 -16.07 -16.59 14.02
C ASN B 125 -15.10 -17.17 15.06
N LYS B 126 -15.18 -18.49 15.24
CA LYS B 126 -14.33 -19.32 16.11
C LYS B 126 -14.65 -19.14 17.59
N ILE B 127 -15.91 -18.89 17.91
CA ILE B 127 -16.30 -18.76 19.33
C ILE B 127 -16.12 -20.07 20.08
N ASP B 128 -16.12 -21.22 19.37
CA ASP B 128 -15.83 -22.50 20.03
C ASP B 128 -14.47 -22.51 20.71
N LEU B 129 -13.52 -21.73 20.22
CA LEU B 129 -12.19 -21.68 20.84
C LEU B 129 -12.22 -21.05 22.23
N GLU B 130 -11.12 -21.25 22.95
CA GLU B 130 -10.90 -20.64 24.25
C GLU B 130 -10.16 -19.32 24.09
N ASN B 131 -10.36 -18.44 25.07
CA ASN B 131 -9.62 -17.19 25.15
C ASN B 131 -9.87 -16.33 23.90
N ARG B 132 -11.15 -16.02 23.68
CA ARG B 132 -11.49 -14.97 22.75
C ARG B 132 -10.84 -13.67 23.21
N GLN B 133 -10.44 -12.84 22.23
CA GLN B 133 -9.80 -11.57 22.48
C GLN B 133 -10.62 -10.38 22.03
N VAL B 134 -11.60 -10.55 21.15
CA VAL B 134 -12.46 -9.46 20.74
C VAL B 134 -13.76 -9.61 21.51
N ALA B 135 -14.11 -8.58 22.28
CA ALA B 135 -15.33 -8.59 23.05
C ALA B 135 -16.55 -8.50 22.15
N THR B 136 -17.59 -9.25 22.50
CA THR B 136 -18.83 -9.18 21.76
C THR B 136 -19.33 -7.74 21.66
N LYS B 137 -19.30 -7.02 22.79
CA LYS B 137 -19.83 -5.66 22.80
C LYS B 137 -19.02 -4.71 21.91
N ARG B 138 -17.72 -4.96 21.75
CA ARG B 138 -16.88 -4.13 20.88
C ARG B 138 -17.26 -4.33 19.40
N ALA B 139 -17.42 -5.59 19.01
CA ALA B 139 -17.87 -5.86 17.65
C ALA B 139 -19.25 -5.27 17.41
N GLN B 140 -20.16 -5.42 18.38
CA GLN B 140 -21.50 -4.88 18.24
C GLN B 140 -21.48 -3.37 18.07
N ALA B 141 -20.58 -2.69 18.80
CA ALA B 141 -20.46 -1.24 18.67
C ALA B 141 -20.01 -0.83 17.28
N TRP B 142 -18.99 -1.52 16.74
CA TRP B 142 -18.56 -1.20 15.37
C TRP B 142 -19.71 -1.39 14.39
N CYS B 143 -20.35 -2.55 14.45
CA CYS B 143 -21.47 -2.85 13.55
C CYS B 143 -22.57 -1.82 13.66
N TYR B 144 -22.90 -1.39 14.88
CA TYR B 144 -23.94 -0.38 15.03
C TYR B 144 -23.49 0.95 14.43
N SER B 145 -22.23 1.32 14.62
CA SER B 145 -21.73 2.57 14.06
C SER B 145 -21.78 2.57 12.54
N LYS B 146 -21.89 1.40 11.91
CA LYS B 146 -21.99 1.42 10.44
C LYS B 146 -23.44 1.27 9.95
N ASN B 147 -24.36 2.04 10.54
CA ASN B 147 -25.78 2.00 10.17
C ASN B 147 -26.39 0.64 10.47
N ASN B 148 -26.09 0.12 11.65
CA ASN B 148 -26.76 -1.06 12.18
C ASN B 148 -26.54 -2.28 11.29
N ILE B 149 -25.27 -2.65 11.11
CA ILE B 149 -24.99 -3.86 10.35
C ILE B 149 -25.38 -5.05 11.22
N PRO B 150 -25.99 -6.11 10.67
CA PRO B 150 -26.28 -7.27 11.51
C PRO B 150 -25.00 -8.01 11.86
N TYR B 151 -24.88 -8.37 13.13
CA TYR B 151 -23.72 -9.05 13.69
C TYR B 151 -24.12 -10.44 14.19
N PHE B 152 -23.38 -11.46 13.77
CA PHE B 152 -23.56 -12.79 14.32
C PHE B 152 -22.23 -13.33 14.82
N GLU B 153 -22.26 -14.09 15.90
CA GLU B 153 -21.08 -14.81 16.33
C GLU B 153 -21.26 -16.27 15.98
N THR B 154 -20.25 -16.85 15.34
CA THR B 154 -20.43 -18.11 14.65
C THR B 154 -19.32 -19.08 15.02
N SER B 155 -19.56 -20.34 14.73
CA SER B 155 -18.49 -21.33 14.74
C SER B 155 -18.70 -22.21 13.51
N ALA B 156 -17.80 -22.11 12.53
CA ALA B 156 -17.87 -23.05 11.41
C ALA B 156 -17.66 -24.48 11.86
N LYS B 157 -16.82 -24.67 12.89
CA LYS B 157 -16.48 -26.01 13.36
C LYS B 157 -17.68 -26.66 14.05
N GLU B 158 -18.35 -25.90 14.92
CA GLU B 158 -19.47 -26.42 15.69
C GLU B 158 -20.82 -26.08 15.08
N ALA B 159 -20.85 -25.40 13.93
CA ALA B 159 -22.11 -25.09 13.24
C ALA B 159 -23.05 -24.25 14.10
N ILE B 160 -22.52 -23.22 14.77
CA ILE B 160 -23.32 -22.27 15.54
C ILE B 160 -23.56 -21.03 14.70
N ASN B 161 -24.83 -20.66 14.52
CA ASN B 161 -25.27 -19.45 13.85
C ASN B 161 -24.98 -19.40 12.37
N VAL B 162 -24.38 -20.44 11.79
CA VAL B 162 -24.08 -20.39 10.37
C VAL B 162 -25.36 -20.28 9.57
N GLU B 163 -26.31 -21.18 9.84
CA GLU B 163 -27.59 -21.14 9.16
C GLU B 163 -28.33 -19.82 9.41
N GLN B 164 -28.41 -19.39 10.68
CA GLN B 164 -29.11 -18.14 10.98
C GLN B 164 -28.43 -16.94 10.28
N ALA B 165 -27.10 -16.89 10.30
CA ALA B 165 -26.42 -15.77 9.67
C ALA B 165 -26.68 -15.76 8.16
N PHE B 166 -26.60 -16.92 7.53
CA PHE B 166 -26.86 -16.95 6.09
C PHE B 166 -28.33 -16.73 5.75
N GLN B 167 -29.25 -16.99 6.69
CA GLN B 167 -30.65 -16.65 6.44
C GLN B 167 -30.82 -15.15 6.39
N THR B 168 -30.23 -14.44 7.34
CA THR B 168 -30.24 -12.97 7.28
C THR B 168 -29.54 -12.45 6.02
N ILE B 169 -28.36 -12.98 5.72
CA ILE B 169 -27.69 -12.63 4.47
C ILE B 169 -28.62 -12.81 3.27
N ALA B 170 -29.22 -13.99 3.13
CA ALA B 170 -30.17 -14.22 2.03
C ALA B 170 -31.26 -13.17 2.03
N ARG B 171 -31.86 -12.92 3.19
CA ARG B 171 -33.00 -12.01 3.28
C ARG B 171 -32.63 -10.59 2.88
N ASN B 172 -31.56 -10.04 3.45
CA ASN B 172 -31.18 -8.66 3.15
C ASN B 172 -30.69 -8.53 1.72
N ALA B 173 -29.98 -9.54 1.22
CA ALA B 173 -29.58 -9.55 -0.19
C ALA B 173 -30.80 -9.55 -1.11
N LEU B 174 -31.86 -10.26 -0.70
CA LEU B 174 -33.07 -10.38 -1.52
C LEU B 174 -33.84 -9.06 -1.59
N LYS B 175 -33.79 -8.26 -0.53
CA LYS B 175 -34.48 -6.97 -0.53
C LYS B 175 -34.24 -6.24 -1.85
N GLN B 176 -35.33 -5.74 -2.44
CA GLN B 176 -35.22 -4.96 -3.66
C GLN B 176 -34.80 -3.53 -3.31
N LYS C 5 41.77 22.37 20.95
CA LYS C 5 40.92 21.24 20.60
C LYS C 5 40.77 21.00 19.11
N LYS C 6 40.33 19.78 18.80
CA LYS C 6 39.88 19.37 17.48
C LYS C 6 38.47 18.85 17.66
N VAL C 7 37.53 19.42 16.93
CA VAL C 7 36.14 19.00 16.99
C VAL C 7 35.79 18.39 15.64
N LEU C 8 35.29 17.16 15.67
CA LEU C 8 34.80 16.49 14.47
C LEU C 8 33.29 16.45 14.52
N LEU C 9 32.64 17.00 13.48
CA LEU C 9 31.18 17.03 13.37
C LEU C 9 30.73 16.01 12.33
N LYS C 10 29.75 15.19 12.70
CA LYS C 10 29.16 14.23 11.77
C LYS C 10 27.90 14.84 11.18
N VAL C 11 27.91 15.01 9.85
CA VAL C 11 26.80 15.60 9.12
C VAL C 11 26.19 14.53 8.23
N ILE C 12 24.87 14.46 8.25
CA ILE C 12 24.08 13.46 7.54
C ILE C 12 23.28 14.22 6.51
N ILE C 13 23.28 13.78 5.26
CA ILE C 13 22.46 14.42 4.24
C ILE C 13 21.39 13.43 3.80
N LEU C 14 20.14 13.79 3.99
CA LEU C 14 18.99 12.94 3.73
C LEU C 14 18.06 13.64 2.75
N GLY C 15 17.23 12.83 2.10
CA GLY C 15 16.24 13.32 1.15
C GLY C 15 16.04 12.30 0.04
N ASP C 16 14.96 12.52 -0.74
CA ASP C 16 14.58 11.57 -1.77
C ASP C 16 15.69 11.41 -2.81
N SER C 17 15.68 10.29 -3.50
CA SER C 17 16.65 10.05 -4.56
C SER C 17 16.58 11.13 -5.64
N GLY C 18 17.75 11.64 -6.05
CA GLY C 18 17.82 12.56 -7.17
C GLY C 18 17.64 14.03 -6.84
N VAL C 19 17.46 14.38 -5.57
CA VAL C 19 17.28 15.78 -5.24
C VAL C 19 18.58 16.57 -5.28
N GLY C 20 19.72 15.89 -5.31
CA GLY C 20 21.02 16.53 -5.37
C GLY C 20 21.90 16.42 -4.13
N LYS C 21 21.70 15.40 -3.29
CA LYS C 21 22.47 15.27 -2.06
C LYS C 21 23.97 15.13 -2.35
N THR C 22 24.34 14.16 -3.18
CA THR C 22 25.74 13.99 -3.54
C THR C 22 26.30 15.21 -4.25
N SER C 23 25.53 15.81 -5.15
CA SER C 23 26.04 16.99 -5.86
C SER C 23 26.30 18.14 -4.90
N LEU C 24 25.44 18.31 -3.90
CA LEU C 24 25.67 19.34 -2.91
C LEU C 24 26.95 19.06 -2.14
N MET C 25 27.13 17.81 -1.73
CA MET C 25 28.35 17.46 -1.01
C MET C 25 29.59 17.74 -1.85
N ASN C 26 29.58 17.33 -3.12
CA ASN C 26 30.75 17.51 -3.97
C ASN C 26 31.00 18.98 -4.25
N GLN C 27 29.94 19.75 -4.44
CA GLN C 27 30.09 21.18 -4.65
C GLN C 27 30.69 21.87 -3.42
N TYR C 28 30.27 21.46 -2.23
CA TYR C 28 30.83 22.05 -1.02
C TYR C 28 32.28 21.64 -0.80
N VAL C 29 32.61 20.37 -1.00
CA VAL C 29 33.93 19.89 -0.62
C VAL C 29 34.94 20.18 -1.72
N ASN C 30 34.57 19.95 -2.98
CA ASN C 30 35.49 20.04 -4.11
C ASN C 30 35.19 21.17 -5.08
N LYS C 31 34.12 21.92 -4.88
CA LYS C 31 33.72 22.97 -5.81
C LYS C 31 33.70 22.45 -7.25
N LYS C 32 33.15 21.25 -7.41
CA LYS C 32 33.04 20.57 -8.69
C LYS C 32 31.64 19.99 -8.81
N PHE C 33 31.12 20.02 -10.02
CA PHE C 33 29.80 19.52 -10.32
C PHE C 33 29.89 18.73 -11.62
N SER C 34 29.22 17.59 -11.68
CA SER C 34 29.30 16.71 -12.83
C SER C 34 27.89 16.27 -13.21
N ASN C 35 27.56 16.39 -14.51
CA ASN C 35 26.20 16.21 -15.00
C ASN C 35 25.72 14.76 -14.93
N GLN C 36 26.61 13.79 -14.72
CA GLN C 36 26.21 12.39 -14.66
C GLN C 36 25.48 12.08 -13.35
N TYR C 37 24.69 11.01 -13.38
CA TYR C 37 23.95 10.50 -12.24
C TYR C 37 24.81 9.49 -11.46
N LYS C 38 24.29 9.02 -10.32
CA LYS C 38 25.09 8.20 -9.41
C LYS C 38 24.20 7.24 -8.61
N ALA C 39 24.88 6.39 -7.83
CA ALA C 39 24.26 5.58 -6.79
C ALA C 39 24.46 6.27 -5.44
N ALA C 43 33.77 3.63 1.59
CA ALA C 43 33.59 4.94 0.97
C ALA C 43 32.36 5.64 1.54
N ASP C 44 32.30 5.70 2.86
CA ASP C 44 31.09 6.15 3.54
C ASP C 44 30.87 7.67 3.45
N PHE C 45 31.96 8.44 3.54
CA PHE C 45 31.88 9.88 3.73
C PHE C 45 33.08 10.59 3.12
N LEU C 46 32.90 11.91 2.92
CA LEU C 46 33.94 12.86 2.58
C LEU C 46 34.26 13.73 3.79
N THR C 47 35.45 14.33 3.80
CA THR C 47 35.89 15.16 4.91
C THR C 47 36.33 16.53 4.41
N LYS C 48 35.95 17.56 5.16
CA LYS C 48 36.39 18.91 4.83
C LYS C 48 36.72 19.64 6.12
N GLU C 49 37.82 20.40 6.08
CA GLU C 49 38.30 21.20 7.19
C GLU C 49 37.64 22.58 7.10
N VAL C 50 36.91 22.98 8.13
CA VAL C 50 36.10 24.19 8.09
C VAL C 50 36.45 25.14 9.22
N MET C 51 36.27 26.43 8.96
CA MET C 51 36.48 27.50 9.93
C MET C 51 35.10 28.13 10.18
N VAL C 52 34.66 28.12 11.44
CA VAL C 52 33.36 28.62 11.83
C VAL C 52 33.53 29.46 13.10
N ASP C 53 33.16 30.75 13.02
CA ASP C 53 33.27 31.70 14.13
C ASP C 53 34.67 31.63 14.78
N ASP C 54 35.68 31.78 13.93
CA ASP C 54 37.09 31.74 14.31
C ASP C 54 37.41 30.47 15.12
N ARG C 55 36.87 29.34 14.64
CA ARG C 55 37.15 28.04 15.24
C ARG C 55 37.33 27.00 14.13
N LEU C 56 38.39 26.19 14.20
CA LEU C 56 38.64 25.16 13.22
C LEU C 56 38.02 23.83 13.66
N VAL C 57 37.21 23.23 12.77
CA VAL C 57 36.53 21.96 13.01
C VAL C 57 36.62 21.09 11.77
N THR C 58 36.53 19.78 11.98
CA THR C 58 36.55 18.80 10.89
C THR C 58 35.13 18.31 10.65
N MET C 59 34.63 18.55 9.44
CA MET C 59 33.26 18.17 9.09
C MET C 59 33.32 16.89 8.26
N GLN C 60 32.67 15.86 8.77
CA GLN C 60 32.58 14.55 8.14
C GLN C 60 31.18 14.40 7.54
N ILE C 61 31.10 14.50 6.21
CA ILE C 61 29.82 14.52 5.49
C ILE C 61 29.56 13.14 4.89
N TRP C 62 28.50 12.50 5.36
CA TRP C 62 28.13 11.16 4.94
C TRP C 62 27.18 11.23 3.76
N ASP C 63 27.44 10.40 2.75
CA ASP C 63 26.53 10.26 1.62
C ASP C 63 25.82 8.92 1.71
N THR C 64 24.57 8.88 1.26
CA THR C 64 23.77 7.67 1.41
C THR C 64 24.22 6.57 0.45
N ALA C 65 25.17 6.84 -0.44
CA ALA C 65 25.59 5.92 -1.51
C ALA C 65 24.38 5.34 -2.24
N GLY C 66 23.37 6.18 -2.45
CA GLY C 66 22.19 5.85 -3.24
C GLY C 66 21.32 4.73 -2.71
N LEU C 67 21.54 4.30 -1.47
CA LEU C 67 20.75 3.19 -0.93
C LEU C 67 19.33 3.60 -0.54
N GLU C 68 19.03 4.91 -0.50
CA GLU C 68 17.68 5.36 -0.19
C GLU C 68 16.69 5.06 -1.31
N ARG C 69 17.17 4.68 -2.50
CA ARG C 69 16.28 4.34 -3.59
C ARG C 69 15.44 3.10 -3.28
N PHE C 70 15.98 2.17 -2.51
CA PHE C 70 15.30 0.89 -2.33
C PHE C 70 15.35 0.31 -0.92
N GLN C 71 16.03 0.92 0.05
CA GLN C 71 16.00 0.32 1.38
C GLN C 71 16.40 1.33 2.46
N SER C 72 16.11 0.94 3.70
CA SER C 72 16.42 1.74 4.87
C SER C 72 17.94 1.88 5.05
N LEU C 73 18.35 2.97 5.71
CA LEU C 73 19.76 3.35 5.72
C LEU C 73 20.58 2.54 6.72
N GLY C 74 20.04 2.25 7.90
CA GLY C 74 20.77 1.49 8.90
C GLY C 74 21.22 2.35 10.07
N VAL C 75 21.19 1.77 11.28
CA VAL C 75 21.44 2.54 12.48
C VAL C 75 22.83 3.17 12.45
N ALA C 76 23.83 2.43 11.95
CA ALA C 76 25.20 2.94 11.94
C ALA C 76 25.32 4.18 11.09
N PHE C 77 24.57 4.25 9.99
CA PHE C 77 24.56 5.46 9.19
C PHE C 77 24.07 6.66 9.99
N TYR C 78 23.08 6.44 10.86
CA TYR C 78 22.48 7.50 11.66
C TYR C 78 23.25 7.82 12.94
N ARG C 79 23.77 6.79 13.62
CA ARG C 79 24.30 6.93 14.98
C ARG C 79 25.45 7.93 15.06
N GLY C 80 25.39 8.79 16.07
CA GLY C 80 26.42 9.77 16.30
C GLY C 80 26.30 11.03 15.47
N ALA C 81 25.28 11.15 14.62
CA ALA C 81 25.16 12.33 13.79
C ALA C 81 24.99 13.56 14.66
N ASP C 82 25.67 14.66 14.28
CA ASP C 82 25.54 15.94 14.94
C ASP C 82 24.73 16.94 14.13
N CYS C 83 24.43 16.61 12.89
CA CYS C 83 23.57 17.52 12.14
C CYS C 83 22.97 16.69 11.02
N CYS C 84 21.78 17.10 10.61
CA CYS C 84 21.02 16.39 9.59
C CYS C 84 20.51 17.43 8.61
N VAL C 85 20.93 17.28 7.38
CA VAL C 85 20.58 18.17 6.29
C VAL C 85 19.45 17.47 5.54
N LEU C 86 18.31 18.13 5.42
CA LEU C 86 17.17 17.61 4.68
C LEU C 86 17.11 18.34 3.34
N VAL C 87 17.17 17.59 2.24
CA VAL C 87 17.23 18.16 0.90
C VAL C 87 16.03 17.70 0.09
N PHE C 88 15.42 18.65 -0.62
CA PHE C 88 14.38 18.37 -1.59
C PHE C 88 14.69 19.17 -2.84
N ASP C 89 14.03 18.79 -3.93
CA ASP C 89 14.12 19.46 -5.23
C ASP C 89 12.98 20.46 -5.38
N VAL C 90 13.31 21.74 -5.59
CA VAL C 90 12.26 22.76 -5.71
C VAL C 90 11.39 22.54 -6.94
N THR C 91 11.87 21.80 -7.93
CA THR C 91 11.08 21.53 -9.12
C THR C 91 10.21 20.28 -8.97
N ALA C 92 10.31 19.56 -7.86
CA ALA C 92 9.58 18.30 -7.67
C ALA C 92 8.85 18.32 -6.33
N PRO C 93 7.58 18.72 -6.31
CA PRO C 93 6.87 18.87 -5.01
C PRO C 93 6.80 17.58 -4.19
N ASN C 94 6.86 16.43 -4.85
CA ASN C 94 6.79 15.17 -4.10
C ASN C 94 8.02 15.00 -3.20
N THR C 95 9.18 15.54 -3.60
CA THR C 95 10.33 15.48 -2.70
C THR C 95 10.19 16.43 -1.51
N PHE C 96 9.34 17.46 -1.62
CA PHE C 96 9.04 18.30 -0.48
C PHE C 96 8.10 17.59 0.48
N LYS C 97 7.13 16.84 -0.05
CA LYS C 97 6.14 16.19 0.82
C LYS C 97 6.75 15.19 1.80
N THR C 98 7.89 14.58 1.45
CA THR C 98 8.49 13.53 2.26
C THR C 98 9.38 14.02 3.39
N LEU C 99 9.53 15.35 3.58
CA LEU C 99 10.50 15.86 4.55
C LEU C 99 10.17 15.41 5.97
N ASP C 100 8.89 15.41 6.36
CA ASP C 100 8.52 14.78 7.64
C ASP C 100 9.07 13.39 7.86
N SER C 101 8.59 12.44 7.07
CA SER C 101 9.07 11.08 7.23
C SER C 101 10.60 11.01 7.34
N TRP C 102 11.33 11.78 6.53
CA TRP C 102 12.79 11.76 6.69
C TRP C 102 13.20 12.27 8.06
N ARG C 103 12.59 13.38 8.50
CA ARG C 103 12.99 13.98 9.76
C ARG C 103 12.65 13.06 10.94
N ASP C 104 11.45 12.49 10.95
CA ASP C 104 11.03 11.61 12.04
C ASP C 104 11.85 10.34 12.04
N GLU C 105 12.07 9.73 10.88
CA GLU C 105 12.90 8.53 10.83
C GLU C 105 14.30 8.82 11.34
N PHE C 106 14.85 9.99 11.01
CA PHE C 106 16.15 10.34 11.57
C PHE C 106 16.08 10.41 13.09
N LEU C 107 15.07 11.11 13.62
CA LEU C 107 15.02 11.28 15.07
C LEU C 107 14.87 9.94 15.77
N ILE C 108 14.05 9.06 15.20
CA ILE C 108 13.84 7.77 15.83
C ILE C 108 15.10 6.91 15.75
N GLN C 109 15.81 6.96 14.63
CA GLN C 109 16.94 6.06 14.41
C GLN C 109 18.22 6.55 15.07
N ALA C 110 18.54 7.83 14.91
CA ALA C 110 19.75 8.38 15.50
C ALA C 110 19.62 8.47 17.01
N SER C 111 18.40 8.74 17.48
CA SER C 111 18.07 8.85 18.89
C SER C 111 18.97 9.84 19.61
N PRO C 112 19.04 11.10 19.20
CA PRO C 112 19.76 12.09 20.00
C PRO C 112 19.08 12.25 21.35
N ARG C 113 19.90 12.70 22.31
CA ARG C 113 19.44 12.91 23.68
C ARG C 113 18.54 14.13 23.80
N ASP C 114 18.69 15.12 22.91
CA ASP C 114 17.87 16.32 22.94
C ASP C 114 17.16 16.45 21.59
N PRO C 115 16.12 15.67 21.35
CA PRO C 115 15.45 15.70 20.03
C PRO C 115 14.86 17.06 19.67
N GLU C 116 14.26 17.77 20.62
CA GLU C 116 13.58 19.02 20.31
C GLU C 116 14.52 20.08 19.75
N ASN C 117 15.81 20.03 20.07
CA ASN C 117 16.76 21.05 19.65
C ASN C 117 17.80 20.55 18.67
N PHE C 118 17.59 19.36 18.11
CA PHE C 118 18.60 18.78 17.24
C PHE C 118 18.81 19.65 16.00
N PRO C 119 20.08 19.82 15.52
CA PRO C 119 20.35 20.68 14.34
C PRO C 119 19.90 20.08 13.01
N PHE C 120 18.81 20.59 12.45
CA PHE C 120 18.46 20.33 11.07
C PHE C 120 18.70 21.57 10.23
N VAL C 121 18.99 21.37 8.93
CA VAL C 121 18.95 22.45 7.95
C VAL C 121 18.26 21.87 6.72
N VAL C 122 17.46 22.70 6.07
CA VAL C 122 16.66 22.28 4.91
C VAL C 122 17.17 23.01 3.69
N LEU C 123 17.65 22.24 2.71
CA LEU C 123 18.05 22.76 1.42
C LEU C 123 16.96 22.50 0.38
N GLY C 124 16.47 23.58 -0.22
CA GLY C 124 15.66 23.50 -1.41
C GLY C 124 16.55 23.71 -2.62
N ASN C 125 16.92 22.62 -3.28
CA ASN C 125 17.98 22.58 -4.27
C ASN C 125 17.42 22.68 -5.70
N LYS C 126 18.33 23.02 -6.64
CA LYS C 126 18.09 23.10 -8.08
C LYS C 126 17.33 24.36 -8.48
N ILE C 127 17.60 25.47 -7.79
CA ILE C 127 16.99 26.74 -8.19
C ILE C 127 17.51 27.22 -9.54
N ASP C 128 18.69 26.78 -9.97
CA ASP C 128 19.21 27.13 -11.30
C ASP C 128 18.24 26.74 -12.40
N LEU C 129 17.49 25.65 -12.22
CA LEU C 129 16.44 25.34 -13.16
C LEU C 129 15.37 26.42 -13.00
N GLU C 130 14.71 26.78 -14.10
CA GLU C 130 13.78 27.89 -14.01
C GLU C 130 12.34 27.42 -13.89
N ASN C 131 12.13 26.27 -13.26
CA ASN C 131 10.84 25.59 -13.22
C ASN C 131 10.47 25.33 -11.75
N ARG C 132 10.23 26.40 -10.99
CA ARG C 132 9.95 26.22 -9.58
C ARG C 132 8.55 25.65 -9.38
N GLN C 133 8.44 24.68 -8.49
CA GLN C 133 7.17 24.04 -8.18
C GLN C 133 6.80 24.10 -6.70
N VAL C 134 7.77 24.35 -5.82
CA VAL C 134 7.56 24.57 -4.39
C VAL C 134 7.85 26.03 -4.09
N ALA C 135 6.88 26.76 -3.57
CA ALA C 135 7.07 28.15 -3.23
C ALA C 135 7.98 28.32 -2.02
N THR C 136 8.85 29.33 -2.08
CA THR C 136 9.72 29.65 -0.94
C THR C 136 8.92 29.82 0.35
N LYS C 137 7.78 30.51 0.26
CA LYS C 137 6.95 30.75 1.45
C LYS C 137 6.44 29.44 2.07
N ARG C 138 6.10 28.44 1.25
CA ARG C 138 5.58 27.19 1.81
C ARG C 138 6.68 26.40 2.52
N ALA C 139 7.84 26.26 1.87
CA ALA C 139 9.01 25.62 2.50
C ALA C 139 9.36 26.31 3.81
N GLN C 140 9.37 27.65 3.82
CA GLN C 140 9.64 28.40 5.04
C GLN C 140 8.60 28.13 6.12
N ALA C 141 7.32 27.99 5.72
CA ALA C 141 6.29 27.66 6.69
C ALA C 141 6.54 26.30 7.33
N TRP C 142 6.92 25.30 6.53
CA TRP C 142 7.24 24.01 7.12
C TRP C 142 8.42 24.13 8.10
N CYS C 143 9.52 24.75 7.65
CA CYS C 143 10.70 24.91 8.50
C CYS C 143 10.38 25.62 9.79
N TYR C 144 9.55 26.67 9.72
CA TYR C 144 9.16 27.37 10.93
C TYR C 144 8.37 26.47 11.87
N SER C 145 7.47 25.67 11.31
CA SER C 145 6.69 24.75 12.15
C SER C 145 7.54 23.69 12.82
N LYS C 146 8.74 23.43 12.33
CA LYS C 146 9.58 22.42 12.97
C LYS C 146 10.63 23.05 13.87
N ASN C 147 10.22 23.94 14.75
CA ASN C 147 11.08 24.62 15.72
C ASN C 147 12.11 25.52 15.02
N ASN C 148 11.65 26.21 13.97
CA ASN C 148 12.44 27.24 13.31
C ASN C 148 13.74 26.71 12.73
N ILE C 149 13.64 25.68 11.89
CA ILE C 149 14.80 25.09 11.22
C ILE C 149 15.30 26.09 10.18
N PRO C 150 16.61 26.19 9.95
CA PRO C 150 17.10 27.10 8.90
C PRO C 150 16.86 26.54 7.52
N TYR C 151 16.43 27.42 6.62
CA TYR C 151 16.10 27.08 5.25
C TYR C 151 17.01 27.82 4.29
N PHE C 152 17.62 27.10 3.35
CA PHE C 152 18.36 27.72 2.27
C PHE C 152 17.85 27.20 0.93
N GLU C 153 17.85 28.06 -0.08
CA GLU C 153 17.60 27.62 -1.44
C GLU C 153 18.94 27.58 -2.16
N THR C 154 19.24 26.45 -2.80
CA THR C 154 20.59 26.18 -3.24
C THR C 154 20.62 25.72 -4.69
N SER C 155 21.83 25.75 -5.26
CA SER C 155 22.10 25.15 -6.56
C SER C 155 23.47 24.50 -6.47
N ALA C 156 23.51 23.17 -6.45
CA ALA C 156 24.79 22.47 -6.52
C ALA C 156 25.50 22.74 -7.84
N LYS C 157 24.73 22.96 -8.92
CA LYS C 157 25.34 23.15 -10.24
C LYS C 157 26.03 24.51 -10.34
N GLU C 158 25.36 25.58 -9.91
CA GLU C 158 25.89 26.93 -9.96
C GLU C 158 26.48 27.41 -8.64
N ALA C 159 26.56 26.54 -7.63
CA ALA C 159 27.20 26.86 -6.35
C ALA C 159 26.54 28.05 -5.65
N ILE C 160 25.20 28.09 -5.65
CA ILE C 160 24.45 29.15 -5.00
C ILE C 160 24.05 28.67 -3.61
N ASN C 161 24.45 29.42 -2.59
CA ASN C 161 24.08 29.25 -1.18
C ASN C 161 24.64 27.99 -0.55
N VAL C 162 25.47 27.22 -1.27
CA VAL C 162 26.02 25.98 -0.73
C VAL C 162 26.94 26.28 0.44
N GLU C 163 27.91 27.18 0.23
CA GLU C 163 28.83 27.54 1.30
C GLU C 163 28.09 28.13 2.49
N GLN C 164 27.14 29.04 2.23
CA GLN C 164 26.40 29.67 3.32
C GLN C 164 25.63 28.64 4.15
N ALA C 165 24.98 27.68 3.46
CA ALA C 165 24.22 26.66 4.16
C ALA C 165 25.13 25.78 4.99
N PHE C 166 26.27 25.37 4.44
CA PHE C 166 27.16 24.55 5.26
C PHE C 166 27.83 25.33 6.38
N GLN C 167 27.95 26.66 6.27
CA GLN C 167 28.43 27.45 7.40
C GLN C 167 27.42 27.41 8.54
N THR C 168 26.14 27.63 8.21
CA THR C 168 25.08 27.47 9.19
C THR C 168 25.06 26.06 9.79
N ILE C 169 25.11 25.03 8.95
CA ILE C 169 25.26 23.65 9.40
C ILE C 169 26.40 23.51 10.40
N ALA C 170 27.61 23.91 10.03
CA ALA C 170 28.72 23.84 10.98
C ALA C 170 28.40 24.54 12.31
N ARG C 171 27.86 25.74 12.22
CA ARG C 171 27.64 26.56 13.40
C ARG C 171 26.64 25.91 14.35
N ASN C 172 25.47 25.53 13.84
CA ASN C 172 24.48 24.94 14.73
C ASN C 172 24.93 23.57 15.23
N ALA C 173 25.61 22.79 14.38
CA ALA C 173 26.15 21.51 14.82
C ALA C 173 27.14 21.68 15.95
N LEU C 174 27.95 22.74 15.89
CA LEU C 174 28.98 22.98 16.90
C LEU C 174 28.38 23.35 18.25
N LYS C 175 27.23 24.01 18.25
CA LYS C 175 26.54 24.38 19.50
C LYS C 175 26.46 23.22 20.48
N GLY D 1 3.39 10.13 -7.77
CA GLY D 1 2.78 8.94 -7.20
C GLY D 1 3.71 8.18 -6.27
N SER D 2 3.76 8.57 -5.00
CA SER D 2 4.59 7.87 -4.03
C SER D 2 3.97 7.77 -2.63
N MET D 3 3.63 8.90 -2.01
CA MET D 3 3.04 8.85 -0.67
C MET D 3 2.15 10.06 -0.43
N ASN D 4 1.27 9.94 0.55
CA ASN D 4 0.45 11.02 1.04
C ASN D 4 0.93 11.46 2.41
N THR D 5 0.82 12.75 2.69
CA THR D 5 1.18 13.20 4.03
C THR D 5 0.13 12.73 5.04
N GLU D 6 0.47 12.88 6.32
CA GLU D 6 -0.48 12.54 7.39
C GLU D 6 -1.73 13.40 7.28
N ALA D 7 -1.55 14.71 7.02
CA ALA D 7 -2.70 15.60 6.86
C ALA D 7 -3.58 15.18 5.71
N GLU D 8 -2.98 14.72 4.61
CA GLU D 8 -3.78 14.25 3.48
C GLU D 8 -4.58 13.00 3.87
N GLN D 9 -3.93 12.04 4.54
CA GLN D 9 -4.66 10.87 5.01
C GLN D 9 -5.81 11.26 5.93
N GLN D 10 -5.57 12.22 6.83
CA GLN D 10 -6.65 12.68 7.70
C GLN D 10 -7.78 13.32 6.91
N LEU D 11 -7.45 14.11 5.88
CA LEU D 11 -8.47 14.76 5.06
C LEU D 11 -9.31 13.74 4.32
N LEU D 12 -8.66 12.74 3.73
CA LEU D 12 -9.41 11.67 3.06
C LEU D 12 -10.32 10.94 4.05
N HIS D 13 -9.80 10.62 5.24
CA HIS D 13 -10.61 9.94 6.24
C HIS D 13 -11.82 10.77 6.67
N HIS D 14 -11.60 12.04 7.02
CA HIS D 14 -12.69 12.87 7.53
C HIS D 14 -13.71 13.20 6.43
N ALA D 15 -13.23 13.46 5.20
CA ALA D 15 -14.15 13.68 4.09
C ALA D 15 -15.01 12.45 3.83
N ARG D 16 -14.36 11.28 3.74
CA ARG D 16 -15.08 10.03 3.55
C ARG D 16 -16.18 9.85 4.60
N ASN D 17 -15.85 10.13 5.86
CA ASN D 17 -16.81 9.85 6.92
C ASN D 17 -17.72 11.02 7.22
N GLY D 18 -17.59 12.14 6.49
CA GLY D 18 -18.45 13.28 6.69
C GLY D 18 -18.28 14.02 7.99
N ASN D 19 -17.06 14.03 8.54
CA ASN D 19 -16.76 14.76 9.76
C ASN D 19 -16.47 16.21 9.36
N ALA D 20 -17.53 17.03 9.26
CA ALA D 20 -17.40 18.33 8.61
C ALA D 20 -16.49 19.29 9.39
N GLU D 21 -16.65 19.36 10.71
CA GLU D 21 -15.81 20.29 11.47
C GLU D 21 -14.33 19.91 11.37
N GLU D 22 -14.02 18.61 11.36
CA GLU D 22 -12.62 18.18 11.23
C GLU D 22 -12.06 18.53 9.85
N VAL D 23 -12.86 18.35 8.80
CA VAL D 23 -12.42 18.79 7.48
C VAL D 23 -12.14 20.29 7.51
N ARG D 24 -13.01 21.07 8.16
CA ARG D 24 -12.79 22.51 8.21
C ARG D 24 -11.51 22.85 8.97
N LYS D 25 -11.23 22.16 10.08
CA LYS D 25 -9.95 22.40 10.78
C LYS D 25 -8.78 22.13 9.86
N LEU D 26 -8.81 21.00 9.15
CA LEU D 26 -7.72 20.70 8.22
C LEU D 26 -7.57 21.79 7.17
N LEU D 27 -8.68 22.22 6.55
CA LEU D 27 -8.61 23.20 5.49
C LEU D 27 -8.05 24.53 5.99
N ALA D 28 -8.42 24.91 7.22
CA ALA D 28 -7.86 26.14 7.79
C ALA D 28 -6.36 26.01 7.99
N ALA D 29 -5.91 24.87 8.56
CA ALA D 29 -4.48 24.66 8.73
C ALA D 29 -3.74 24.66 7.40
N MET D 30 -4.34 24.04 6.37
CA MET D 30 -3.72 24.03 5.05
C MET D 30 -3.61 25.45 4.50
N ALA D 31 -4.62 26.29 4.78
CA ALA D 31 -4.60 27.66 4.26
C ALA D 31 -3.48 28.47 4.90
N ARG D 32 -3.24 28.26 6.19
CA ARG D 32 -2.14 28.89 6.90
C ARG D 32 -0.81 28.15 6.72
N MET D 33 -0.79 27.08 5.90
CA MET D 33 0.43 26.32 5.62
C MET D 33 1.07 25.76 6.90
N GLU D 34 0.27 25.46 7.91
CA GLU D 34 0.76 24.75 9.10
C GLU D 34 0.94 23.27 8.86
N VAL D 35 0.28 22.70 7.85
CA VAL D 35 0.49 21.31 7.45
C VAL D 35 0.70 21.28 5.95
N VAL D 36 1.28 20.20 5.46
CA VAL D 36 1.44 20.01 4.03
C VAL D 36 0.35 19.04 3.57
N ALA D 37 -0.52 19.53 2.69
CA ALA D 37 -1.57 18.70 2.16
C ALA D 37 -2.15 19.37 0.93
N ASP D 38 -2.36 18.58 -0.11
CA ASP D 38 -3.03 19.01 -1.32
C ASP D 38 -4.52 18.68 -1.22
N ILE D 39 -5.38 19.71 -1.29
CA ILE D 39 -6.82 19.53 -1.21
C ILE D 39 -7.35 18.57 -2.28
N ASP D 40 -6.62 18.42 -3.39
CA ASP D 40 -6.98 17.51 -4.47
C ASP D 40 -6.18 16.21 -4.43
N CYS D 41 -5.57 15.90 -3.27
CA CYS D 41 -4.83 14.66 -3.11
C CYS D 41 -5.71 13.46 -3.48
N LYS D 42 -5.07 12.36 -3.85
CA LYS D 42 -5.77 11.13 -4.17
C LYS D 42 -5.36 10.03 -3.21
N GLY D 43 -6.35 9.24 -2.78
CA GLY D 43 -6.06 8.20 -1.82
C GLY D 43 -5.06 7.20 -2.38
N ARG D 44 -4.27 6.62 -1.48
CA ARG D 44 -3.32 5.59 -1.87
C ARG D 44 -3.58 4.26 -1.18
N SER D 45 -4.59 4.16 -0.33
CA SER D 45 -4.88 2.86 0.28
C SER D 45 -6.10 2.22 -0.37
N LYS D 46 -6.31 0.93 -0.06
CA LYS D 46 -7.43 0.21 -0.65
C LYS D 46 -8.77 0.85 -0.32
N SER D 47 -8.86 1.59 0.78
CA SER D 47 -10.11 2.23 1.18
C SER D 47 -10.45 3.47 0.35
N ASN D 48 -9.53 3.99 -0.46
CA ASN D 48 -9.77 5.27 -1.13
C ASN D 48 -8.93 5.43 -2.39
N LEU D 49 -8.45 4.36 -3.01
CA LEU D 49 -7.37 4.44 -3.99
C LEU D 49 -7.79 5.23 -5.22
N GLY D 50 -7.07 6.31 -5.50
CA GLY D 50 -7.35 7.14 -6.64
C GLY D 50 -8.46 8.15 -6.46
N TRP D 51 -9.14 8.18 -5.31
CA TRP D 51 -10.22 9.14 -5.08
C TRP D 51 -9.69 10.36 -4.33
N THR D 52 -10.23 11.55 -4.66
CA THR D 52 -9.97 12.78 -3.91
C THR D 52 -10.93 12.89 -2.75
N PRO D 53 -10.65 13.77 -1.79
CA PRO D 53 -11.67 14.02 -0.74
C PRO D 53 -13.04 14.38 -1.33
N LEU D 54 -13.07 15.15 -2.42
CA LEU D 54 -14.35 15.54 -3.02
C LEU D 54 -15.09 14.36 -3.63
N HIS D 55 -14.38 13.49 -4.35
CA HIS D 55 -14.97 12.22 -4.78
C HIS D 55 -15.64 11.48 -3.61
N LEU D 56 -14.91 11.33 -2.50
CA LEU D 56 -15.43 10.54 -1.40
C LEU D 56 -16.66 11.19 -0.79
N ALA D 57 -16.61 12.49 -0.56
CA ALA D 57 -17.75 13.16 0.06
C ALA D 57 -18.97 13.16 -0.84
N CYS D 58 -18.77 13.24 -2.17
CA CYS D 58 -19.91 13.18 -3.08
C CYS D 58 -20.52 11.79 -3.13
N TYR D 59 -19.68 10.75 -3.24
CA TYR D 59 -20.24 9.40 -3.34
C TYR D 59 -21.02 9.02 -2.08
N PHE D 60 -20.49 9.37 -0.90
CA PHE D 60 -21.15 9.05 0.37
C PHE D 60 -22.11 10.14 0.82
N GLY D 61 -22.28 11.19 0.03
CA GLY D 61 -23.33 12.17 0.25
C GLY D 61 -23.20 13.08 1.44
N HIS D 62 -21.99 13.55 1.72
CA HIS D 62 -21.73 14.42 2.86
C HIS D 62 -21.72 15.86 2.34
N LYS D 63 -22.88 16.51 2.44
CA LYS D 63 -23.08 17.77 1.74
C LYS D 63 -22.22 18.88 2.34
N GLN D 64 -22.29 19.06 3.66
CA GLN D 64 -21.50 20.09 4.31
C GLN D 64 -20.01 20.00 3.93
N VAL D 65 -19.46 18.77 3.92
CA VAL D 65 -18.07 18.57 3.50
C VAL D 65 -17.88 19.02 2.06
N VAL D 66 -18.79 18.63 1.16
CA VAL D 66 -18.66 19.03 -0.24
C VAL D 66 -18.62 20.55 -0.37
N GLU D 67 -19.60 21.24 0.23
CA GLU D 67 -19.62 22.70 0.29
C GLU D 67 -18.26 23.25 0.74
N ASP D 68 -17.82 22.86 1.94
CA ASP D 68 -16.58 23.39 2.49
C ASP D 68 -15.38 23.14 1.56
N LEU D 69 -15.27 21.94 0.98
CA LEU D 69 -14.17 21.67 0.06
C LEU D 69 -14.22 22.56 -1.18
N LEU D 70 -15.42 22.70 -1.76
CA LEU D 70 -15.53 23.54 -2.95
C LEU D 70 -15.21 25.00 -2.62
N LYS D 71 -15.72 25.49 -1.49
CA LYS D 71 -15.42 26.86 -1.06
C LYS D 71 -13.94 27.07 -0.89
N ALA D 72 -13.23 26.05 -0.39
CA ALA D 72 -11.79 26.18 -0.17
C ALA D 72 -11.00 26.00 -1.46
N GLY D 73 -11.66 25.78 -2.59
CA GLY D 73 -10.99 25.73 -3.87
C GLY D 73 -10.67 24.36 -4.40
N ALA D 74 -11.33 23.30 -3.92
CA ALA D 74 -11.13 21.97 -4.47
C ALA D 74 -11.48 21.99 -5.96
N LYS D 75 -10.70 21.24 -6.75
CA LYS D 75 -10.93 21.19 -8.18
C LYS D 75 -12.17 20.36 -8.48
N VAL D 76 -13.14 20.95 -9.17
CA VAL D 76 -14.44 20.32 -9.27
C VAL D 76 -14.42 19.16 -10.28
N ASN D 77 -13.45 19.13 -11.19
CA ASN D 77 -13.45 18.15 -12.26
C ASN D 77 -12.34 17.10 -12.14
N MET D 78 -11.77 16.91 -10.94
CA MET D 78 -10.78 15.84 -10.75
C MET D 78 -11.35 14.49 -11.14
N LEU D 79 -10.48 13.63 -11.64
CA LEU D 79 -10.84 12.28 -12.06
C LEU D 79 -10.28 11.24 -11.10
N ASN D 80 -11.03 10.15 -10.89
CA ASN D 80 -10.48 9.01 -10.18
C ASN D 80 -10.05 7.97 -11.20
N ASP D 81 -9.64 6.80 -10.72
CA ASP D 81 -9.07 5.79 -11.63
C ASP D 81 -10.08 5.28 -12.65
N MET D 82 -11.37 5.35 -12.39
CA MET D 82 -12.38 4.99 -13.38
C MET D 82 -12.71 6.11 -14.36
N GLY D 83 -12.05 7.26 -14.26
CA GLY D 83 -12.40 8.40 -15.06
C GLY D 83 -13.62 9.16 -14.60
N ASP D 84 -14.19 8.79 -13.47
CA ASP D 84 -15.31 9.50 -12.86
C ASP D 84 -14.90 10.87 -12.29
N THR D 85 -15.76 11.88 -12.47
CA THR D 85 -15.67 13.14 -11.73
C THR D 85 -16.49 13.04 -10.46
N PRO D 86 -16.36 14.01 -9.55
CA PRO D 86 -17.29 14.05 -8.41
C PRO D 86 -18.73 14.12 -8.85
N LEU D 87 -18.99 14.82 -9.96
CA LEU D 87 -20.35 14.88 -10.47
C LEU D 87 -20.84 13.50 -10.88
N HIS D 88 -19.98 12.69 -11.52
CA HIS D 88 -20.37 11.33 -11.86
C HIS D 88 -20.85 10.57 -10.63
N ARG D 89 -20.27 10.84 -9.47
CA ARG D 89 -20.52 9.98 -8.34
C ARG D 89 -21.69 10.51 -7.54
N ALA D 90 -21.92 11.80 -7.62
CA ALA D 90 -23.14 12.34 -7.05
C ALA D 90 -24.37 11.96 -7.87
N ALA D 91 -24.25 11.98 -9.20
CA ALA D 91 -25.35 11.58 -10.06
C ALA D 91 -25.61 10.09 -9.97
N PHE D 92 -24.54 9.30 -9.92
CA PHE D 92 -24.68 7.85 -9.84
C PHE D 92 -25.45 7.44 -8.61
N THR D 93 -25.18 8.10 -7.49
CA THR D 93 -25.86 7.83 -6.23
C THR D 93 -27.16 8.63 -6.07
N GLY D 94 -27.57 9.37 -7.10
CA GLY D 94 -28.86 10.04 -7.06
C GLY D 94 -28.99 11.14 -6.03
N ARG D 95 -27.94 11.92 -5.81
CA ARG D 95 -27.97 12.94 -4.78
C ARG D 95 -28.17 14.27 -5.48
N LYS D 96 -29.45 14.66 -5.58
CA LYS D 96 -29.82 15.80 -6.40
C LYS D 96 -29.23 17.11 -5.85
N GLU D 97 -29.28 17.28 -4.53
CA GLU D 97 -28.76 18.54 -3.98
C GLU D 97 -27.26 18.65 -4.22
N LEU D 98 -26.54 17.54 -4.25
CA LEU D 98 -25.10 17.59 -4.53
C LEU D 98 -24.84 17.86 -6.00
N VAL D 99 -25.61 17.24 -6.90
CA VAL D 99 -25.47 17.54 -8.33
C VAL D 99 -25.68 19.03 -8.55
N LEU D 100 -26.67 19.60 -7.89
CA LEU D 100 -26.96 21.02 -8.08
C LEU D 100 -25.82 21.88 -7.53
N LEU D 101 -25.30 21.53 -6.34
CA LEU D 101 -24.16 22.25 -5.78
C LEU D 101 -22.96 22.20 -6.72
N LEU D 102 -22.64 21.01 -7.24
CA LEU D 102 -21.50 20.87 -8.14
C LEU D 102 -21.68 21.74 -9.39
N LEU D 103 -22.88 21.70 -9.99
CA LEU D 103 -23.13 22.56 -11.16
C LEU D 103 -22.95 24.02 -10.78
N GLU D 104 -23.41 24.39 -9.59
CA GLU D 104 -23.24 25.75 -9.10
C GLU D 104 -21.76 26.11 -9.04
N TYR D 105 -20.86 25.13 -8.89
CA TYR D 105 -19.42 25.38 -8.95
C TYR D 105 -18.80 25.08 -10.31
N ASP D 106 -19.56 25.22 -11.40
CA ASP D 106 -19.04 25.00 -12.77
C ASP D 106 -18.54 23.59 -13.00
N ALA D 107 -19.13 22.60 -12.34
CA ALA D 107 -18.77 21.22 -12.66
C ALA D 107 -19.03 20.97 -14.13
N ASP D 108 -18.05 20.36 -14.80
CA ASP D 108 -18.20 20.05 -16.21
C ASP D 108 -19.04 18.79 -16.36
N SER D 109 -20.25 18.94 -16.92
CA SER D 109 -21.17 17.81 -17.08
C SER D 109 -20.89 17.00 -18.34
N THR D 110 -19.88 17.38 -19.14
CA THR D 110 -19.62 16.67 -20.39
C THR D 110 -18.58 15.56 -20.26
N VAL D 111 -17.92 15.44 -19.10
CA VAL D 111 -16.84 14.48 -18.98
C VAL D 111 -17.37 13.07 -19.20
N VAL D 112 -16.67 12.31 -20.03
CA VAL D 112 -16.99 10.93 -20.30
C VAL D 112 -16.02 10.08 -19.48
N ASN D 113 -16.56 9.17 -18.67
CA ASN D 113 -15.71 8.41 -17.76
C ASN D 113 -15.09 7.25 -18.53
N GLY D 114 -14.37 6.37 -17.83
CA GLY D 114 -13.72 5.24 -18.48
C GLY D 114 -14.66 4.19 -19.00
N SER D 115 -15.94 4.28 -18.64
CA SER D 115 -16.98 3.36 -19.11
C SER D 115 -17.77 3.95 -20.27
N GLY D 116 -17.36 5.10 -20.80
CA GLY D 116 -18.12 5.75 -21.84
C GLY D 116 -19.42 6.43 -21.41
N GLN D 117 -19.53 6.81 -20.13
CA GLN D 117 -20.74 7.44 -19.63
C GLN D 117 -20.44 8.87 -19.22
N THR D 118 -21.40 9.76 -19.46
CA THR D 118 -21.40 11.05 -18.81
C THR D 118 -22.18 10.94 -17.50
N ALA D 119 -22.11 11.99 -16.68
CA ALA D 119 -22.90 11.99 -15.46
C ALA D 119 -24.38 11.73 -15.75
N LYS D 120 -24.91 12.34 -16.81
CA LYS D 120 -26.32 12.15 -17.17
C LYS D 120 -26.62 10.69 -17.49
N GLU D 121 -25.67 9.99 -18.10
CA GLU D 121 -25.90 8.62 -18.51
C GLU D 121 -25.66 7.65 -17.34
N ALA D 122 -24.88 8.09 -16.34
CA ALA D 122 -24.61 7.28 -15.15
C ALA D 122 -25.77 7.26 -14.18
N THR D 123 -26.60 8.30 -14.15
CA THR D 123 -27.65 8.33 -13.15
C THR D 123 -28.80 7.40 -13.56
N HIS D 124 -29.59 7.03 -12.56
CA HIS D 124 -30.85 6.34 -12.75
C HIS D 124 -31.99 7.18 -12.23
N ASP D 125 -31.68 8.32 -11.64
CA ASP D 125 -32.68 9.21 -11.10
C ASP D 125 -33.12 10.14 -12.22
N LYS D 126 -34.40 10.09 -12.57
CA LYS D 126 -34.82 10.72 -13.80
C LYS D 126 -34.89 12.22 -13.67
N GLU D 127 -35.10 12.72 -12.45
CA GLU D 127 -34.99 14.16 -12.21
C GLU D 127 -33.58 14.66 -12.47
N ILE D 128 -32.57 14.01 -11.89
CA ILE D 128 -31.18 14.36 -12.17
C ILE D 128 -30.88 14.27 -13.66
N ARG D 129 -31.37 13.22 -14.33
CA ARG D 129 -31.17 13.15 -15.77
C ARG D 129 -31.74 14.39 -16.45
N ASN D 130 -32.93 14.81 -16.02
CA ASN D 130 -33.57 15.96 -16.67
C ASN D 130 -32.81 17.25 -16.40
N MET D 131 -32.32 17.44 -15.15
CA MET D 131 -31.51 18.62 -14.83
C MET D 131 -30.26 18.68 -15.68
N LEU D 132 -29.53 17.57 -15.75
CA LEU D 132 -28.28 17.56 -16.50
C LEU D 132 -28.54 17.77 -17.99
N GLU D 133 -29.62 17.16 -18.49
CA GLU D 133 -30.04 17.39 -19.87
C GLU D 133 -30.28 18.88 -20.11
N ALA D 134 -30.94 19.55 -19.17
CA ALA D 134 -31.25 20.97 -19.31
C ALA D 134 -29.99 21.83 -19.33
N VAL D 135 -29.01 21.56 -18.46
CA VAL D 135 -27.82 22.43 -18.44
C VAL D 135 -26.90 22.19 -19.65
N GLU D 136 -27.04 21.08 -20.34
CA GLU D 136 -26.26 20.83 -21.56
C GLU D 136 -26.52 21.88 -22.65
#